data_6M9F
#
_entry.id   6M9F
#
_cell.length_a   98.240
_cell.length_b   98.240
_cell.length_c   83.390
_cell.angle_alpha   90.00
_cell.angle_beta   90.00
_cell.angle_gamma   120.00
#
_symmetry.space_group_name_H-M   'P 62'
#
loop_
_entity.id
_entity.type
_entity.pdbx_description
1 polymer SEDOLISIN
2 polymer Tyrostatin
3 non-polymer 'CALCIUM ION'
4 non-polymer 'SULFATE ION'
5 water water
#
loop_
_entity_poly.entity_id
_entity_poly.type
_entity_poly.pdbx_seq_one_letter_code
_entity_poly.pdbx_strand_id
1 'polypeptide(L)'
;GTAKGHNPTEFPTIYDASSAPTAANTTVGIITIGGVSQTLQDLQQFTSANGLASVNTQTIQTGSSNGDYSDDQQGQGEWD
LDSQSIVGSAGGAVQQLLFYMADQSASGNTGLTQAFNQAVSDNVAKVINVSLGWCEADANADGTLQAEDRIFATAAAQGQ
TFSVSSGDEGVYECNNRGYPDGSTYSVSWPASSPNVIAVGGTTLYTTSAGAYSNETVWNEGLDSNGKLWATGGGYSVYES
KPSWQSVVSGTPGRRLLPDISFDAAQGTGALIYNYGQLQQIGGTSLASPIFVGLWARLQSANSNSLGFPAASFYSAISST
PSLVHDVKSGNNGYGGYGYNAGTGWDYPTGWGSLDIAKLSAYIRSNGF
;
A
2 'polypeptide(L)' (IVA)YL(TYE) B
#
loop_
_chem_comp.id
_chem_comp.type
_chem_comp.name
_chem_comp.formula
CA non-polymer 'CALCIUM ION' 'Ca 2'
IVA non-polymer 'ISOVALERIC ACID' 'C5 H10 O2'
SO4 non-polymer 'SULFATE ION' 'O4 S -2'
#
# COMPACT_ATOMS: atom_id res chain seq x y z
N GLY A 1 -3.62 17.81 -17.55
CA GLY A 1 -2.50 17.36 -16.73
C GLY A 1 -1.49 16.55 -17.50
N THR A 2 -0.33 16.30 -16.86
CA THR A 2 0.72 15.53 -17.53
C THR A 2 1.06 14.31 -16.70
N ALA A 3 1.39 13.26 -17.37
CA ALA A 3 1.96 12.02 -16.86
C ALA A 3 3.50 12.10 -16.84
N LYS A 4 4.07 12.02 -15.67
CA LYS A 4 5.52 12.02 -15.52
C LYS A 4 5.88 11.35 -14.21
N GLY A 5 7.16 11.06 -14.08
CA GLY A 5 7.60 10.61 -12.77
C GLY A 5 7.77 11.74 -11.78
N HIS A 6 7.80 11.35 -10.48
CA HIS A 6 7.83 12.25 -9.34
C HIS A 6 8.81 11.82 -8.28
N ASN A 7 9.57 12.81 -7.81
CA ASN A 7 10.30 12.64 -6.57
C ASN A 7 9.32 12.34 -5.44
N PRO A 8 9.53 11.35 -4.61
CA PRO A 8 8.60 11.09 -3.51
C PRO A 8 8.37 12.26 -2.57
N THR A 9 9.30 13.18 -2.50
CA THR A 9 9.03 14.37 -1.70
C THR A 9 7.90 15.24 -2.28
N GLU A 10 7.44 15.00 -3.50
CA GLU A 10 6.30 15.70 -4.10
C GLU A 10 4.95 15.14 -3.66
N PHE A 11 4.91 13.92 -3.10
CA PHE A 11 3.59 13.36 -2.75
C PHE A 11 2.82 14.20 -1.73
N PRO A 12 3.40 14.85 -0.73
CA PRO A 12 2.58 15.73 0.13
C PRO A 12 1.86 16.82 -0.64
N THR A 13 2.54 17.50 -1.56
CA THR A 13 1.89 18.52 -2.36
C THR A 13 0.73 17.97 -3.16
N ILE A 14 0.98 16.84 -3.80
CA ILE A 14 0.00 16.20 -4.69
C ILE A 14 -1.24 15.77 -3.93
N TYR A 15 -1.05 15.23 -2.70
CA TYR A 15 -2.22 14.74 -1.94
C TYR A 15 -2.63 15.64 -0.80
N ASP A 16 -2.22 16.90 -0.89
CA ASP A 16 -2.71 17.97 -0.01
C ASP A 16 -2.36 17.77 1.45
N ALA A 17 -1.11 17.41 1.73
CA ALA A 17 -0.62 17.11 3.08
C ALA A 17 0.45 18.09 3.55
N SER A 18 0.79 19.12 2.78
CA SER A 18 1.84 20.02 3.16
C SER A 18 1.59 20.76 4.47
N SER A 19 0.31 20.96 4.78
CA SER A 19 -0.05 21.69 6.00
C SER A 19 -0.18 20.82 7.25
N ALA A 20 -0.04 19.51 7.06
CA ALA A 20 -0.03 18.56 8.17
C ALA A 20 1.32 18.45 8.80
N PRO A 21 1.40 17.99 10.04
CA PRO A 21 2.73 17.72 10.60
C PRO A 21 3.38 16.61 9.80
N THR A 22 4.70 16.55 9.89
CA THR A 22 5.43 15.36 9.44
C THR A 22 5.10 14.19 10.37
N ALA A 23 5.55 13.00 10.00
CA ALA A 23 5.41 11.81 10.83
C ALA A 23 6.54 11.68 11.86
N ALA A 24 7.18 12.79 12.25
CA ALA A 24 8.28 12.74 13.19
C ALA A 24 7.94 12.10 14.54
N ASN A 25 6.66 12.07 14.87
CA ASN A 25 6.25 11.49 16.11
C ASN A 25 5.62 10.11 16.02
N THR A 26 5.70 9.45 14.86
CA THR A 26 5.13 8.15 14.59
C THR A 26 6.17 7.17 14.08
N THR A 27 6.17 5.96 14.69
CA THR A 27 7.08 4.91 14.20
C THR A 27 6.35 4.11 13.14
N VAL A 28 7.05 3.81 12.05
CA VAL A 28 6.51 3.11 10.89
C VAL A 28 7.30 1.85 10.62
N GLY A 29 6.62 0.77 10.27
CA GLY A 29 7.25 -0.48 9.86
C GLY A 29 7.10 -0.78 8.39
N ILE A 30 8.03 -1.58 7.90
CA ILE A 30 8.04 -2.13 6.55
C ILE A 30 8.33 -3.63 6.66
N ILE A 31 7.47 -4.47 6.14
CA ILE A 31 7.73 -5.91 6.03
C ILE A 31 8.58 -6.16 4.81
N THR A 32 9.69 -6.87 5.00
CA THR A 32 10.60 -7.20 3.92
C THR A 32 10.82 -8.70 3.89
N ILE A 33 11.29 -9.21 2.76
CA ILE A 33 11.77 -10.57 2.58
C ILE A 33 13.28 -10.47 2.52
N GLY A 34 13.96 -10.98 3.56
CA GLY A 34 15.42 -10.83 3.58
C GLY A 34 15.87 -9.45 4.00
N GLY A 35 17.15 -9.19 3.79
CA GLY A 35 17.83 -8.06 4.33
C GLY A 35 17.67 -6.78 3.52
N VAL A 36 18.17 -5.70 4.09
CA VAL A 36 17.98 -4.35 3.58
C VAL A 36 19.30 -3.56 3.58
N SER A 37 20.43 -4.24 3.47
CA SER A 37 21.70 -3.52 3.55
C SER A 37 21.87 -2.48 2.45
N GLN A 38 21.62 -2.91 1.20
CA GLN A 38 21.74 -1.90 0.14
C GLN A 38 20.66 -0.82 0.28
N THR A 39 19.45 -1.23 0.63
CA THR A 39 18.33 -0.30 0.85
C THR A 39 18.69 0.80 1.83
N LEU A 40 19.41 0.50 2.91
CA LEU A 40 19.79 1.54 3.86
C LEU A 40 20.80 2.52 3.26
N GLN A 41 21.68 2.04 2.38
CA GLN A 41 22.60 2.96 1.68
C GLN A 41 21.83 3.85 0.72
N ASP A 42 20.86 3.28 0.01
CA ASP A 42 19.99 4.02 -0.91
C ASP A 42 19.16 5.02 -0.15
N LEU A 43 18.76 4.70 1.09
CA LEU A 43 18.00 5.63 1.90
C LEU A 43 18.84 6.82 2.35
N GLN A 44 20.11 6.56 2.66
CA GLN A 44 21.06 7.62 2.94
C GLN A 44 21.25 8.54 1.75
N GLN A 45 21.39 7.96 0.58
CA GLN A 45 21.46 8.75 -0.65
C GLN A 45 20.21 9.62 -0.78
N PHE A 46 19.02 9.01 -0.59
CA PHE A 46 17.78 9.74 -0.64
C PHE A 46 17.71 10.91 0.32
N THR A 47 17.98 10.70 1.62
CA THR A 47 17.77 11.83 2.52
C THR A 47 18.85 12.90 2.26
N SER A 48 20.09 12.46 1.98
CA SER A 48 21.17 13.39 1.74
C SER A 48 20.94 14.20 0.46
N ALA A 49 20.52 13.56 -0.64
CA ALA A 49 20.27 14.29 -1.86
C ALA A 49 19.16 15.33 -1.69
N ASN A 50 18.14 15.00 -0.93
CA ASN A 50 17.03 15.90 -0.69
C ASN A 50 17.25 16.87 0.46
N GLY A 51 18.45 16.87 1.07
CA GLY A 51 18.74 17.83 2.10
C GLY A 51 17.97 17.66 3.38
N LEU A 52 17.56 16.42 3.64
CA LEU A 52 16.79 16.11 4.84
C LEU A 52 17.66 15.54 5.92
N ALA A 53 17.19 15.78 7.16
CA ALA A 53 17.79 15.11 8.30
C ALA A 53 17.75 13.59 8.08
N SER A 54 18.74 12.87 8.60
CA SER A 54 18.75 11.42 8.40
C SER A 54 17.59 10.77 9.16
N VAL A 55 17.19 9.63 8.67
CA VAL A 55 16.13 8.79 9.21
C VAL A 55 16.72 7.74 10.16
N ASN A 56 16.19 7.63 11.39
CA ASN A 56 16.52 6.58 12.35
C ASN A 56 15.87 5.28 11.88
N THR A 57 16.69 4.26 11.68
CA THR A 57 16.28 2.97 11.23
C THR A 57 16.66 1.89 12.22
N GLN A 58 15.88 0.82 12.17
CA GLN A 58 16.27 -0.43 12.85
C GLN A 58 15.93 -1.60 11.93
N THR A 59 16.74 -2.67 11.93
CA THR A 59 16.37 -3.88 11.21
C THR A 59 16.11 -4.96 12.23
N ILE A 60 15.08 -5.74 11.96
CA ILE A 60 14.64 -6.76 12.91
C ILE A 60 14.66 -8.12 12.21
N GLN A 61 15.47 -9.04 12.74
CA GLN A 61 15.44 -10.42 12.30
C GLN A 61 14.24 -11.09 12.98
N THR A 62 13.20 -11.38 12.19
CA THR A 62 11.94 -11.78 12.79
C THR A 62 11.85 -13.26 13.05
N GLY A 63 12.75 -14.08 12.50
CA GLY A 63 12.63 -15.52 12.75
C GLY A 63 13.84 -15.99 13.55
N SER A 64 14.35 -17.14 13.15
CA SER A 64 15.54 -17.79 13.70
C SER A 64 16.74 -16.86 13.64
N SER A 65 17.55 -16.87 14.70
CA SER A 65 18.81 -16.12 14.73
C SER A 65 19.80 -16.62 13.68
N ASN A 66 19.57 -17.84 13.26
CA ASN A 66 20.35 -18.55 12.25
C ASN A 66 19.66 -18.61 10.89
N GLY A 67 18.64 -17.76 10.68
CA GLY A 67 17.96 -17.66 9.40
C GLY A 67 18.77 -16.87 8.38
N ASP A 68 18.26 -16.86 7.16
CA ASP A 68 18.92 -16.16 6.07
C ASP A 68 18.30 -14.79 5.89
N TYR A 69 19.00 -13.77 6.38
CA TYR A 69 18.59 -12.39 6.15
C TYR A 69 19.52 -11.66 5.20
N SER A 70 20.15 -12.40 4.30
CA SER A 70 20.93 -11.79 3.22
C SER A 70 20.04 -10.91 2.35
N ASP A 71 20.64 -9.94 1.69
CA ASP A 71 19.90 -9.12 0.75
C ASP A 71 19.43 -9.93 -0.45
N ASP A 72 18.18 -9.77 -0.81
CA ASP A 72 17.66 -10.17 -2.11
C ASP A 72 17.84 -8.99 -3.06
N GLN A 73 18.60 -9.20 -4.13
CA GLN A 73 18.96 -8.04 -4.95
C GLN A 73 17.71 -7.43 -5.55
N GLN A 74 16.84 -8.26 -6.13
CA GLN A 74 15.63 -7.64 -6.71
C GLN A 74 14.77 -6.98 -5.62
N GLY A 75 14.80 -7.65 -4.46
CA GLY A 75 14.03 -7.14 -3.36
C GLY A 75 14.43 -5.74 -2.94
N GLN A 76 15.72 -5.38 -3.06
CA GLN A 76 16.13 -4.07 -2.62
C GLN A 76 15.36 -2.95 -3.34
N GLY A 77 14.99 -3.15 -4.59
CA GLY A 77 14.16 -2.18 -5.29
C GLY A 77 12.83 -1.94 -4.58
N GLU A 78 12.23 -3.04 -4.10
CA GLU A 78 10.98 -2.91 -3.36
C GLU A 78 11.24 -2.18 -2.05
N TRP A 79 12.26 -2.53 -1.28
CA TRP A 79 12.41 -1.90 0.03
C TRP A 79 12.85 -0.43 -0.16
N ASP A 80 13.53 -0.13 -1.26
CA ASP A 80 13.87 1.24 -1.64
C ASP A 80 12.63 2.05 -1.95
N LEU A 81 11.79 1.49 -2.81
CA LEU A 81 10.54 2.14 -3.16
C LEU A 81 9.74 2.42 -1.89
N ASP A 82 9.65 1.41 -1.00
CA ASP A 82 8.78 1.54 0.16
C ASP A 82 9.30 2.60 1.11
N SER A 83 10.59 2.54 1.44
CA SER A 83 11.17 3.43 2.41
C SER A 83 11.23 4.88 1.92
N GLN A 84 11.68 5.07 0.69
CA GLN A 84 11.77 6.43 0.16
C GLN A 84 10.38 7.02 -0.06
N SER A 85 9.42 6.21 -0.48
CA SER A 85 8.06 6.75 -0.66
C SER A 85 7.38 7.07 0.67
N ILE A 86 7.56 6.22 1.66
CA ILE A 86 7.07 6.53 2.98
C ILE A 86 7.67 7.84 3.50
N VAL A 87 8.99 7.96 3.49
CA VAL A 87 9.60 9.14 4.09
C VAL A 87 9.24 10.41 3.32
N GLY A 88 9.22 10.34 1.99
CA GLY A 88 8.74 11.46 1.20
C GLY A 88 7.31 11.87 1.50
N SER A 89 6.40 10.88 1.52
CA SER A 89 5.01 11.14 1.77
C SER A 89 4.74 11.67 3.18
N ALA A 90 5.55 11.23 4.12
CA ALA A 90 5.52 11.67 5.51
C ALA A 90 6.04 13.09 5.74
N GLY A 91 6.47 13.77 4.67
CA GLY A 91 7.01 15.11 4.82
C GLY A 91 8.49 15.12 5.13
N GLY A 92 9.18 14.00 4.99
CA GLY A 92 10.62 13.97 5.17
C GLY A 92 11.12 13.48 6.50
N ALA A 93 10.24 13.12 7.41
CA ALA A 93 10.58 12.70 8.77
C ALA A 93 9.59 11.65 9.25
N VAL A 94 10.12 10.62 9.84
CA VAL A 94 9.43 9.58 10.62
C VAL A 94 10.17 9.44 11.94
N GLN A 95 9.46 9.02 13.01
CA GLN A 95 10.16 8.85 14.29
C GLN A 95 11.28 7.82 14.19
N GLN A 96 10.92 6.69 13.60
CA GLN A 96 11.83 5.59 13.30
C GLN A 96 11.25 4.75 12.18
N LEU A 97 12.09 4.16 11.37
CA LEU A 97 11.64 3.24 10.33
C LEU A 97 12.17 1.85 10.67
N LEU A 98 11.26 0.92 10.91
CA LEU A 98 11.57 -0.44 11.34
C LEU A 98 11.39 -1.41 10.17
N PHE A 99 12.43 -2.12 9.81
CA PHE A 99 12.40 -3.15 8.77
C PHE A 99 12.23 -4.52 9.43
N TYR A 100 11.07 -5.09 9.30
CA TYR A 100 10.73 -6.41 9.83
C TYR A 100 11.08 -7.43 8.74
N MET A 101 12.27 -7.99 8.90
CA MET A 101 12.82 -8.89 7.86
C MET A 101 12.39 -10.35 8.02
N ALA A 102 11.74 -10.89 6.99
CA ALA A 102 11.38 -12.30 6.96
C ALA A 102 12.62 -13.15 6.69
N ASP A 103 12.76 -14.23 7.43
CA ASP A 103 13.82 -15.22 7.19
C ASP A 103 13.62 -15.87 5.84
N GLN A 104 14.59 -15.99 4.94
CA GLN A 104 14.41 -16.62 3.63
C GLN A 104 14.65 -18.14 3.61
N SER A 105 15.07 -18.72 4.72
CA SER A 105 15.47 -20.10 4.82
C SER A 105 14.42 -20.92 5.58
N ALA A 106 13.28 -20.31 5.89
CA ALA A 106 12.20 -20.92 6.65
C ALA A 106 11.24 -21.68 5.74
N SER A 107 10.56 -22.68 6.30
CA SER A 107 9.70 -23.52 5.44
C SER A 107 8.44 -22.78 5.02
N GLY A 108 7.96 -23.11 3.83
CA GLY A 108 6.70 -22.58 3.33
C GLY A 108 6.68 -21.06 3.37
N ASN A 109 5.57 -20.51 3.83
CA ASN A 109 5.44 -19.06 3.97
C ASN A 109 5.68 -18.64 5.42
N THR A 110 6.28 -19.54 6.21
CA THR A 110 6.40 -19.26 7.63
C THR A 110 7.32 -18.07 7.91
N GLY A 111 8.30 -17.79 7.04
CA GLY A 111 9.17 -16.63 7.31
C GLY A 111 8.36 -15.34 7.27
N LEU A 112 7.51 -15.20 6.24
CA LEU A 112 6.66 -14.04 6.08
C LEU A 112 5.65 -13.93 7.23
N THR A 113 5.02 -15.06 7.58
CA THR A 113 4.10 -15.05 8.72
C THR A 113 4.77 -14.57 9.98
N GLN A 114 6.00 -15.06 10.26
CA GLN A 114 6.69 -14.61 11.45
C GLN A 114 7.08 -13.13 11.38
N ALA A 115 7.31 -12.57 10.18
CA ALA A 115 7.57 -11.14 10.08
C ALA A 115 6.33 -10.34 10.47
N PHE A 116 5.16 -10.70 9.97
CA PHE A 116 3.94 -10.06 10.42
C PHE A 116 3.76 -10.22 11.92
N ASN A 117 3.98 -11.43 12.44
CA ASN A 117 3.74 -11.70 13.86
C ASN A 117 4.63 -10.82 14.75
N GLN A 118 5.88 -10.67 14.38
CA GLN A 118 6.80 -9.88 15.18
C GLN A 118 6.37 -8.43 15.22
N ALA A 119 5.91 -7.89 14.10
CA ALA A 119 5.50 -6.50 14.06
C ALA A 119 4.31 -6.31 15.00
N VAL A 120 3.41 -7.28 15.07
CA VAL A 120 2.24 -7.21 15.94
C VAL A 120 2.63 -7.43 17.40
N SER A 121 3.49 -8.45 17.65
CA SER A 121 3.89 -8.74 19.03
C SER A 121 4.63 -7.56 19.61
N ASP A 122 5.54 -6.96 18.86
CA ASP A 122 6.30 -5.83 19.39
C ASP A 122 5.41 -4.62 19.61
N ASN A 123 4.45 -4.39 18.72
CA ASN A 123 3.47 -3.31 18.88
C ASN A 123 4.14 -1.97 19.13
N VAL A 124 5.16 -1.70 18.31
CA VAL A 124 5.80 -0.38 18.40
C VAL A 124 5.52 0.47 17.16
N ALA A 125 5.34 -0.12 16.00
CA ALA A 125 5.02 0.61 14.78
C ALA A 125 3.51 0.81 14.72
N LYS A 126 3.08 2.02 14.55
CA LYS A 126 1.68 2.33 14.42
C LYS A 126 1.09 1.97 13.06
N VAL A 127 1.90 2.05 12.02
CA VAL A 127 1.53 1.81 10.64
C VAL A 127 2.61 0.90 10.04
N ILE A 128 2.21 -0.13 9.33
CA ILE A 128 3.14 -1.07 8.73
C ILE A 128 2.83 -1.30 7.25
N ASN A 129 3.85 -1.11 6.40
CA ASN A 129 3.68 -1.30 4.96
C ASN A 129 3.92 -2.73 4.51
N VAL A 130 3.07 -3.23 3.62
CA VAL A 130 3.18 -4.55 3.03
C VAL A 130 3.00 -4.44 1.52
N SER A 131 4.09 -4.23 0.78
CA SER A 131 4.02 -4.09 -0.67
C SER A 131 4.21 -5.42 -1.38
N LEU A 132 3.35 -6.40 -1.05
CA LEU A 132 3.52 -7.76 -1.53
C LEU A 132 2.20 -8.51 -1.41
N GLY A 133 2.16 -9.67 -2.05
CA GLY A 133 1.00 -10.52 -1.99
C GLY A 133 1.08 -11.66 -2.99
N TRP A 134 0.05 -12.48 -3.00
CA TRP A 134 -0.10 -13.56 -3.99
C TRP A 134 -1.55 -14.00 -3.99
N CYS A 135 -1.87 -14.87 -4.93
CA CYS A 135 -3.22 -15.38 -5.12
C CYS A 135 -3.86 -15.84 -3.80
N GLU A 136 -5.01 -15.26 -3.43
CA GLU A 136 -5.55 -15.63 -2.12
C GLU A 136 -5.95 -17.10 -2.02
N ALA A 137 -6.29 -17.73 -3.12
CA ALA A 137 -6.69 -19.12 -3.11
C ALA A 137 -5.51 -20.01 -2.80
N ASP A 138 -4.32 -19.59 -3.15
CA ASP A 138 -3.10 -20.32 -2.88
C ASP A 138 -2.81 -20.19 -1.38
N ALA A 139 -2.91 -18.95 -0.89
CA ALA A 139 -2.71 -18.73 0.53
C ALA A 139 -3.71 -19.52 1.35
N ASN A 140 -4.93 -19.64 0.83
CA ASN A 140 -5.94 -20.39 1.52
C ASN A 140 -5.66 -21.88 1.54
N ALA A 141 -5.21 -22.45 0.43
CA ALA A 141 -5.02 -23.90 0.29
C ALA A 141 -4.00 -24.48 1.26
N ASP A 142 -2.98 -23.68 1.62
CA ASP A 142 -1.91 -24.24 2.45
C ASP A 142 -1.96 -23.75 3.90
N GLY A 143 -3.03 -23.04 4.25
CA GLY A 143 -3.25 -22.59 5.60
C GLY A 143 -2.61 -21.26 5.95
N THR A 144 -1.90 -20.64 5.00
CA THR A 144 -1.24 -19.39 5.28
C THR A 144 -2.23 -18.29 5.56
N LEU A 145 -3.36 -18.25 4.83
CA LEU A 145 -4.36 -17.23 5.02
C LEU A 145 -4.83 -17.24 6.47
N GLN A 146 -5.24 -18.42 6.92
CA GLN A 146 -5.84 -18.52 8.24
C GLN A 146 -4.82 -18.09 9.29
N ALA A 147 -3.58 -18.54 9.14
CA ALA A 147 -2.57 -18.19 10.14
C ALA A 147 -2.33 -16.69 10.18
N GLU A 148 -2.18 -16.09 9.02
CA GLU A 148 -1.86 -14.66 8.96
C GLU A 148 -3.05 -13.80 9.33
N ASP A 149 -4.28 -14.23 9.04
CA ASP A 149 -5.45 -13.44 9.39
C ASP A 149 -5.56 -13.26 10.91
N ARG A 150 -5.18 -14.30 11.65
CA ARG A 150 -5.16 -14.17 13.11
C ARG A 150 -4.26 -13.06 13.59
N ILE A 151 -3.10 -12.92 12.98
CA ILE A 151 -2.11 -11.89 13.31
C ILE A 151 -2.67 -10.53 12.97
N PHE A 152 -3.25 -10.34 11.79
CA PHE A 152 -3.83 -9.05 11.40
C PHE A 152 -5.01 -8.70 12.31
N ALA A 153 -5.80 -9.67 12.74
CA ALA A 153 -6.90 -9.40 13.68
C ALA A 153 -6.36 -8.81 14.97
N THR A 154 -5.24 -9.39 15.46
CA THR A 154 -4.64 -8.86 16.67
C THR A 154 -4.15 -7.44 16.44
N ALA A 155 -3.53 -7.16 15.31
CA ALA A 155 -3.06 -5.83 14.96
C ALA A 155 -4.20 -4.82 15.02
N ALA A 156 -5.31 -5.13 14.36
CA ALA A 156 -6.42 -4.18 14.31
C ALA A 156 -6.93 -3.91 15.71
N ALA A 157 -7.04 -4.93 16.54
CA ALA A 157 -7.57 -4.80 17.90
C ALA A 157 -6.69 -3.88 18.75
N GLN A 158 -5.38 -3.92 18.40
CA GLN A 158 -4.46 -3.10 19.21
C GLN A 158 -4.20 -1.74 18.58
N GLY A 159 -4.89 -1.42 17.50
CA GLY A 159 -4.89 -0.08 16.93
C GLY A 159 -3.78 0.14 15.92
N GLN A 160 -3.17 -0.95 15.43
CA GLN A 160 -2.17 -0.85 14.37
C GLN A 160 -2.85 -0.91 12.99
N THR A 161 -2.30 -0.15 12.06
CA THR A 161 -2.75 -0.18 10.68
C THR A 161 -1.74 -0.92 9.80
N PHE A 162 -2.06 -2.10 9.27
CA PHE A 162 -1.31 -2.69 8.15
C PHE A 162 -1.92 -2.14 6.86
N SER A 163 -1.07 -1.67 5.97
CA SER A 163 -1.40 -1.22 4.63
C SER A 163 -0.84 -2.21 3.64
N VAL A 164 -1.70 -2.69 2.75
CA VAL A 164 -1.31 -3.75 1.86
C VAL A 164 -1.66 -3.44 0.41
N SER A 165 -0.65 -3.50 -0.46
CA SER A 165 -0.86 -3.35 -1.88
C SER A 165 -1.87 -4.34 -2.43
N SER A 166 -2.78 -3.86 -3.28
CA SER A 166 -3.85 -4.71 -3.77
C SER A 166 -3.44 -5.68 -4.86
N GLY A 167 -2.32 -5.49 -5.51
CA GLY A 167 -1.83 -6.29 -6.59
C GLY A 167 -1.60 -5.57 -7.89
N ASP A 168 -0.83 -6.17 -8.78
CA ASP A 168 -0.36 -5.55 -10.01
C ASP A 168 -0.86 -6.25 -11.24
N GLU A 169 -1.80 -7.17 -11.09
CA GLU A 169 -2.24 -8.09 -12.13
C GLU A 169 -3.68 -7.80 -12.53
N GLY A 170 -4.22 -6.63 -12.15
CA GLY A 170 -5.62 -6.35 -12.34
C GLY A 170 -6.45 -7.46 -11.73
N VAL A 171 -7.52 -7.85 -12.38
CA VAL A 171 -8.43 -8.91 -11.98
C VAL A 171 -7.81 -10.30 -12.13
N TYR A 172 -6.63 -10.47 -12.69
CA TYR A 172 -6.09 -11.79 -13.02
C TYR A 172 -4.98 -12.22 -12.08
N GLU A 173 -5.20 -12.12 -10.77
CA GLU A 173 -4.18 -12.41 -9.77
C GLU A 173 -3.83 -13.89 -9.71
N CYS A 174 -4.77 -14.81 -9.90
CA CYS A 174 -4.57 -16.25 -9.74
C CYS A 174 -4.27 -16.96 -11.07
N ASN A 175 -4.22 -16.25 -12.18
CA ASN A 175 -3.96 -16.76 -13.54
C ASN A 175 -2.52 -16.55 -14.00
N ASN A 176 -1.65 -17.41 -13.44
CA ASN A 176 -0.24 -17.30 -13.82
C ASN A 176 0.35 -15.92 -13.54
N ARG A 177 -0.25 -15.24 -12.57
CA ARG A 177 0.04 -13.88 -12.17
C ARG A 177 -0.09 -12.94 -13.35
N GLY A 178 -1.35 -12.70 -13.73
CA GLY A 178 -1.52 -11.61 -14.65
C GLY A 178 -1.81 -11.92 -16.09
N TYR A 179 -1.86 -13.22 -16.44
CA TYR A 179 -2.25 -13.48 -17.83
C TYR A 179 -3.74 -13.33 -18.00
N PRO A 180 -4.15 -12.58 -19.02
CA PRO A 180 -5.58 -12.44 -19.29
C PRO A 180 -6.31 -13.78 -19.34
N ASP A 181 -7.48 -13.76 -18.67
CA ASP A 181 -8.27 -14.95 -18.44
C ASP A 181 -9.75 -14.63 -18.57
N GLY A 182 -10.05 -13.75 -19.54
CA GLY A 182 -11.47 -13.52 -19.80
C GLY A 182 -12.21 -13.03 -18.58
N SER A 183 -13.32 -13.64 -18.25
CA SER A 183 -14.16 -13.20 -17.17
C SER A 183 -13.84 -13.84 -15.82
N THR A 184 -12.76 -14.59 -15.72
CA THR A 184 -12.34 -15.21 -14.47
C THR A 184 -11.48 -14.28 -13.64
N TYR A 185 -11.98 -13.80 -12.53
CA TYR A 185 -11.44 -12.71 -11.72
C TYR A 185 -11.07 -13.25 -10.33
N SER A 186 -10.02 -12.67 -9.76
CA SER A 186 -9.48 -13.11 -8.50
C SER A 186 -8.76 -11.98 -7.79
N VAL A 187 -8.39 -12.18 -6.53
CA VAL A 187 -7.73 -11.16 -5.73
C VAL A 187 -6.53 -11.72 -4.96
N SER A 188 -5.77 -10.77 -4.45
CA SER A 188 -4.54 -10.97 -3.71
C SER A 188 -4.74 -11.01 -2.20
N TRP A 189 -3.98 -11.89 -1.58
CA TRP A 189 -3.74 -12.00 -0.15
C TRP A 189 -2.40 -11.36 0.15
N PRO A 190 -2.17 -10.58 1.21
CA PRO A 190 -3.16 -10.29 2.29
C PRO A 190 -4.05 -9.10 2.11
N ALA A 191 -4.13 -8.52 0.90
CA ALA A 191 -5.02 -7.39 0.71
C ALA A 191 -6.49 -7.75 1.00
N SER A 192 -6.90 -9.00 0.73
CA SER A 192 -8.26 -9.40 0.91
C SER A 192 -8.64 -9.57 2.38
N SER A 193 -7.73 -9.50 3.35
CA SER A 193 -8.07 -9.52 4.75
C SER A 193 -8.90 -8.31 5.16
N PRO A 194 -9.94 -8.49 5.96
CA PRO A 194 -10.71 -7.32 6.44
C PRO A 194 -10.03 -6.53 7.52
N ASN A 195 -8.98 -6.94 8.15
CA ASN A 195 -8.10 -6.54 9.17
C ASN A 195 -6.91 -5.71 8.67
N VAL A 196 -6.84 -5.40 7.39
CA VAL A 196 -5.80 -4.54 6.81
C VAL A 196 -6.48 -3.49 5.95
N ILE A 197 -5.79 -2.40 5.63
CA ILE A 197 -6.22 -1.45 4.61
C ILE A 197 -5.59 -1.87 3.30
N ALA A 198 -6.46 -2.20 2.32
CA ALA A 198 -6.02 -2.58 0.99
C ALA A 198 -5.88 -1.32 0.13
N VAL A 199 -4.78 -1.14 -0.57
CA VAL A 199 -4.46 0.06 -1.31
C VAL A 199 -4.23 -0.29 -2.78
N GLY A 200 -5.11 0.25 -3.61
CA GLY A 200 -5.04 0.10 -5.05
C GLY A 200 -4.30 1.24 -5.73
N GLY A 201 -4.36 1.26 -7.07
CA GLY A 201 -3.51 2.07 -7.87
C GLY A 201 -4.17 2.94 -8.89
N THR A 202 -3.60 4.14 -9.02
CA THR A 202 -4.04 5.14 -9.98
C THR A 202 -2.97 5.52 -10.98
N THR A 203 -3.42 6.13 -12.07
CA THR A 203 -2.59 6.91 -12.98
C THR A 203 -2.70 8.38 -12.56
N LEU A 204 -1.57 8.98 -12.19
CA LEU A 204 -1.61 10.30 -11.60
C LEU A 204 -1.18 11.38 -12.58
N TYR A 205 -2.01 12.36 -12.79
CA TYR A 205 -1.73 13.50 -13.68
C TYR A 205 -1.55 14.74 -12.82
N THR A 206 -0.53 15.52 -13.15
CA THR A 206 -0.24 16.75 -12.43
C THR A 206 -0.21 17.94 -13.39
N THR A 207 -0.41 19.13 -12.83
CA THR A 207 -0.37 20.35 -13.60
C THR A 207 1.08 20.76 -13.82
N SER A 208 1.29 21.73 -14.72
CA SER A 208 2.66 22.15 -14.95
C SER A 208 3.27 22.75 -13.70
N ALA A 209 2.49 23.30 -12.80
CA ALA A 209 3.06 23.82 -11.55
C ALA A 209 3.27 22.72 -10.52
N GLY A 210 2.91 21.49 -10.82
CA GLY A 210 3.09 20.34 -9.98
C GLY A 210 1.96 20.00 -9.06
N ALA A 211 0.82 20.68 -9.24
CA ALA A 211 -0.33 20.39 -8.43
C ALA A 211 -1.07 19.17 -8.94
N TYR A 212 -1.89 18.61 -8.06
CA TYR A 212 -2.82 17.55 -8.46
C TYR A 212 -3.66 17.98 -9.66
N SER A 213 -3.78 17.16 -10.70
CA SER A 213 -4.71 17.43 -11.77
C SER A 213 -5.86 16.41 -11.73
N ASN A 214 -5.55 15.13 -11.88
CA ASN A 214 -6.58 14.09 -11.90
C ASN A 214 -5.93 12.72 -11.78
N GLU A 215 -6.79 11.73 -11.51
CA GLU A 215 -6.35 10.34 -11.45
C GLU A 215 -7.33 9.48 -12.22
N THR A 216 -6.79 8.56 -12.97
CA THR A 216 -7.57 7.49 -13.57
C THR A 216 -7.15 6.15 -12.98
N VAL A 217 -7.80 5.08 -13.37
CA VAL A 217 -7.37 3.74 -12.93
C VAL A 217 -5.97 3.46 -13.43
N TRP A 218 -5.12 2.80 -12.61
CA TRP A 218 -3.88 2.23 -13.13
C TRP A 218 -4.18 1.01 -14.01
N ASN A 219 -3.90 1.16 -15.30
CA ASN A 219 -3.93 0.03 -16.21
C ASN A 219 -2.97 0.37 -17.36
N GLU A 220 -1.79 -0.24 -17.35
CA GLU A 220 -0.83 -0.03 -18.40
C GLU A 220 -0.81 -1.17 -19.40
N GLY A 221 -1.83 -2.03 -19.43
CA GLY A 221 -1.94 -3.06 -20.45
C GLY A 221 -0.91 -4.17 -20.28
N LEU A 222 -0.67 -4.86 -21.40
CA LEU A 222 0.19 -6.01 -21.41
C LEU A 222 1.66 -5.69 -21.67
N ASP A 223 2.54 -6.38 -20.96
CA ASP A 223 3.96 -6.24 -21.29
C ASP A 223 4.32 -7.17 -22.43
N SER A 224 5.62 -7.24 -22.71
CA SER A 224 6.05 -8.03 -23.87
C SER A 224 5.89 -9.53 -23.66
N ASN A 225 5.74 -9.94 -22.41
CA ASN A 225 5.43 -11.34 -22.18
C ASN A 225 3.93 -11.60 -22.19
N GLY A 226 3.09 -10.59 -22.37
CA GLY A 226 1.65 -10.79 -22.41
C GLY A 226 0.97 -10.72 -21.06
N LYS A 227 1.65 -10.27 -20.01
CA LYS A 227 1.08 -10.11 -18.68
C LYS A 227 0.52 -8.72 -18.44
N LEU A 228 -0.63 -8.59 -17.80
CA LEU A 228 -1.32 -7.37 -17.49
C LEU A 228 -0.69 -6.71 -16.25
N TRP A 229 -0.54 -5.40 -16.35
CA TRP A 229 -0.05 -4.50 -15.31
C TRP A 229 -1.19 -3.54 -14.99
N ALA A 230 -1.90 -3.78 -13.88
CA ALA A 230 -3.06 -2.95 -13.50
C ALA A 230 -3.37 -3.16 -12.05
N THR A 231 -4.16 -2.25 -11.51
CA THR A 231 -4.53 -2.33 -10.10
C THR A 231 -5.37 -3.54 -9.73
N GLY A 232 -4.99 -4.28 -8.68
CA GLY A 232 -5.83 -5.34 -8.16
C GLY A 232 -7.07 -4.77 -7.52
N GLY A 233 -8.18 -5.46 -7.72
CA GLY A 233 -9.42 -5.08 -7.13
C GLY A 233 -10.50 -6.07 -7.48
N GLY A 234 -11.49 -6.17 -6.58
CA GLY A 234 -12.51 -7.19 -6.68
C GLY A 234 -13.04 -7.52 -5.30
N TYR A 235 -13.34 -8.79 -5.06
CA TYR A 235 -13.81 -9.17 -3.74
C TYR A 235 -13.15 -10.50 -3.38
N SER A 236 -12.99 -10.79 -2.10
CA SER A 236 -12.50 -12.08 -1.67
C SER A 236 -13.52 -13.18 -1.91
N VAL A 237 -13.09 -14.37 -2.27
CA VAL A 237 -14.03 -15.48 -2.34
C VAL A 237 -14.19 -16.12 -0.98
N TYR A 238 -13.33 -15.82 -0.02
CA TYR A 238 -13.33 -16.48 1.28
C TYR A 238 -13.80 -15.55 2.39
N GLU A 239 -13.22 -14.34 2.47
CA GLU A 239 -13.54 -13.41 3.57
C GLU A 239 -14.94 -12.82 3.41
N SER A 240 -15.72 -12.84 4.47
CA SER A 240 -17.02 -12.22 4.57
C SER A 240 -16.90 -10.70 4.60
N LYS A 241 -17.96 -10.00 4.22
CA LYS A 241 -17.96 -8.56 4.23
C LYS A 241 -18.00 -8.00 5.65
N PRO A 242 -17.04 -7.17 6.04
CA PRO A 242 -17.15 -6.48 7.35
C PRO A 242 -18.26 -5.45 7.20
N SER A 243 -18.93 -5.19 8.33
CA SER A 243 -20.18 -4.44 8.32
C SER A 243 -20.05 -3.04 7.72
N TRP A 244 -18.90 -2.39 7.95
CA TRP A 244 -18.73 -1.02 7.43
C TRP A 244 -18.79 -0.95 5.90
N GLN A 245 -18.56 -2.03 5.18
CA GLN A 245 -18.65 -2.05 3.73
C GLN A 245 -20.08 -2.16 3.21
N SER A 246 -21.04 -2.34 4.10
CA SER A 246 -22.43 -2.39 3.66
C SER A 246 -22.89 -1.11 2.98
N VAL A 247 -22.21 0.00 3.17
CA VAL A 247 -22.52 1.25 2.47
C VAL A 247 -22.31 1.13 0.96
N VAL A 248 -21.54 0.17 0.50
CA VAL A 248 -21.40 -0.06 -0.95
C VAL A 248 -22.50 -1.01 -1.36
N SER A 249 -23.69 -0.55 -1.80
CA SER A 249 -24.83 -1.44 -2.05
C SER A 249 -24.60 -2.19 -3.36
N GLY A 250 -25.24 -3.34 -3.41
CA GLY A 250 -25.27 -4.11 -4.65
C GLY A 250 -24.02 -4.95 -4.90
N THR A 251 -23.31 -5.28 -3.85
CA THR A 251 -22.08 -6.06 -3.85
C THR A 251 -22.28 -7.33 -3.04
N PRO A 252 -21.48 -8.37 -3.28
CA PRO A 252 -21.71 -9.62 -2.55
C PRO A 252 -21.30 -9.49 -1.09
N GLY A 253 -21.64 -10.52 -0.33
CA GLY A 253 -21.34 -10.63 1.09
C GLY A 253 -19.90 -11.00 1.39
N ARG A 254 -18.96 -10.36 0.72
CA ARG A 254 -17.54 -10.64 0.78
C ARG A 254 -16.75 -9.35 1.02
N ARG A 255 -15.51 -9.48 1.47
CA ARG A 255 -14.62 -8.34 1.67
C ARG A 255 -14.31 -7.78 0.29
N LEU A 256 -14.70 -6.55 0.04
CA LEU A 256 -14.47 -5.83 -1.20
C LEU A 256 -13.13 -5.10 -1.13
N LEU A 257 -12.37 -5.03 -2.20
CA LEU A 257 -11.07 -4.37 -2.14
C LEU A 257 -10.77 -3.72 -3.47
N PRO A 258 -9.95 -2.68 -3.52
CA PRO A 258 -9.26 -2.05 -2.38
C PRO A 258 -10.15 -1.10 -1.60
N ASP A 259 -9.62 -0.58 -0.51
CA ASP A 259 -10.30 0.45 0.27
C ASP A 259 -10.10 1.85 -0.31
N ILE A 260 -8.86 2.18 -0.65
CA ILE A 260 -8.41 3.47 -1.14
C ILE A 260 -7.29 3.20 -2.14
N SER A 261 -6.89 4.19 -2.90
CA SER A 261 -5.84 4.04 -3.90
C SER A 261 -4.99 5.30 -4.01
N PHE A 262 -3.75 5.11 -4.41
CA PHE A 262 -2.81 6.19 -4.70
C PHE A 262 -2.01 5.85 -5.96
N ASP A 263 -1.15 6.75 -6.39
CA ASP A 263 -0.32 6.59 -7.56
C ASP A 263 0.31 5.20 -7.64
N ALA A 264 0.18 4.59 -8.79
CA ALA A 264 0.76 3.29 -9.12
C ALA A 264 1.28 3.19 -10.55
N ALA A 265 0.89 3.99 -11.52
CA ALA A 265 1.36 3.76 -12.88
C ALA A 265 2.86 3.98 -12.95
N GLN A 266 3.59 3.07 -13.64
CA GLN A 266 5.01 3.30 -13.81
C GLN A 266 5.20 4.64 -14.52
N GLY A 267 4.41 4.90 -15.55
CA GLY A 267 4.52 6.15 -16.30
C GLY A 267 4.27 7.41 -15.49
N THR A 268 3.68 7.31 -14.30
CA THR A 268 3.50 8.41 -13.39
C THR A 268 4.10 8.14 -12.01
N GLY A 269 5.04 7.22 -11.95
CA GLY A 269 5.60 6.66 -10.74
C GLY A 269 6.60 7.50 -10.01
N ALA A 270 7.24 6.87 -9.04
CA ALA A 270 8.23 7.53 -8.20
C ALA A 270 9.65 7.34 -8.71
N LEU A 271 10.46 8.37 -8.53
CA LEU A 271 11.90 8.34 -8.83
C LEU A 271 12.63 7.91 -7.56
N ILE A 272 13.20 6.71 -7.61
CA ILE A 272 13.73 5.97 -6.49
C ILE A 272 15.18 5.61 -6.72
N TYR A 273 16.00 5.84 -5.70
CA TYR A 273 17.39 5.42 -5.72
C TYR A 273 17.48 3.92 -5.44
N ASN A 274 18.08 3.18 -6.34
CA ASN A 274 18.15 1.72 -6.29
C ASN A 274 19.56 1.30 -6.66
N TYR A 275 20.34 0.76 -5.75
CA TYR A 275 21.74 0.46 -6.00
C TYR A 275 22.45 1.69 -6.57
N GLY A 276 22.11 2.85 -6.02
CA GLY A 276 22.74 4.11 -6.34
C GLY A 276 22.19 4.81 -7.55
N GLN A 277 21.33 4.18 -8.32
CA GLN A 277 20.83 4.78 -9.56
C GLN A 277 19.34 5.07 -9.45
N LEU A 278 18.95 6.21 -10.00
CA LEU A 278 17.57 6.62 -10.03
C LEU A 278 16.78 5.84 -11.08
N GLN A 279 15.67 5.27 -10.64
CA GLN A 279 14.75 4.47 -11.46
C GLN A 279 13.34 5.01 -11.24
N GLN A 280 12.51 4.98 -12.27
CA GLN A 280 11.11 5.36 -12.15
C GLN A 280 10.27 4.11 -11.98
N ILE A 281 9.63 3.99 -10.83
CA ILE A 281 9.01 2.74 -10.38
C ILE A 281 7.55 2.98 -9.99
N GLY A 282 6.68 2.08 -10.43
CA GLY A 282 5.29 2.09 -10.01
C GLY A 282 4.87 0.80 -9.33
N GLY A 283 3.63 0.45 -9.49
CA GLY A 283 2.95 -0.63 -8.86
C GLY A 283 2.10 -0.22 -7.73
N THR A 284 1.17 -1.13 -7.30
CA THR A 284 0.52 -0.87 -6.01
C THR A 284 1.51 -0.95 -4.87
N SER A 285 2.71 -1.47 -5.11
CA SER A 285 3.86 -1.39 -4.21
C SER A 285 4.26 0.05 -3.94
N LEU A 286 3.95 1.01 -4.79
CA LEU A 286 4.15 2.44 -4.58
C LEU A 286 2.98 3.02 -3.80
N ALA A 287 1.76 2.65 -4.24
CA ALA A 287 0.54 3.23 -3.69
C ALA A 287 0.45 3.00 -2.18
N SER A 288 0.75 1.79 -1.72
CA SER A 288 0.70 1.47 -0.31
C SER A 288 1.64 2.35 0.51
N PRO A 289 2.92 2.44 0.22
CA PRO A 289 3.76 3.36 0.99
C PRO A 289 3.40 4.83 0.95
N ILE A 290 2.81 5.30 -0.13
CA ILE A 290 2.30 6.64 -0.09
C ILE A 290 1.23 6.74 1.00
N PHE A 291 0.25 5.83 1.02
CA PHE A 291 -0.72 5.85 2.10
C PHE A 291 -0.07 5.79 3.47
N VAL A 292 0.90 4.90 3.62
CA VAL A 292 1.53 4.73 4.93
C VAL A 292 2.15 6.05 5.42
N GLY A 293 2.92 6.73 4.58
CA GLY A 293 3.53 7.99 4.96
C GLY A 293 2.54 9.08 5.27
N LEU A 294 1.47 9.17 4.46
CA LEU A 294 0.45 10.17 4.70
C LEU A 294 -0.34 9.89 5.97
N TRP A 295 -0.71 8.62 6.16
CA TRP A 295 -1.45 8.21 7.37
C TRP A 295 -0.61 8.44 8.62
N ALA A 296 0.69 8.20 8.52
CA ALA A 296 1.60 8.45 9.65
C ALA A 296 1.62 9.91 10.05
N ARG A 297 1.46 10.84 9.10
CA ARG A 297 1.30 12.26 9.44
C ARG A 297 0.05 12.52 10.25
N LEU A 298 -1.05 11.88 9.87
CA LEU A 298 -2.31 12.05 10.58
C LEU A 298 -2.19 11.43 11.96
N GLN A 299 -1.47 10.33 12.12
CA GLN A 299 -1.23 9.78 13.45
C GLN A 299 -0.47 10.80 14.27
N SER A 300 0.59 11.38 13.73
CA SER A 300 1.40 12.34 14.49
C SER A 300 0.57 13.55 14.82
N ALA A 301 -0.39 13.91 13.95
CA ALA A 301 -1.27 15.03 14.28
C ALA A 301 -2.28 14.71 15.39
N ASN A 302 -2.45 13.44 15.70
CA ASN A 302 -3.47 12.95 16.63
C ASN A 302 -2.88 12.08 17.72
N SER A 303 -1.63 12.36 18.09
CA SER A 303 -0.96 11.70 19.20
C SER A 303 -0.97 10.18 19.06
N ASN A 304 -0.91 9.67 17.85
CA ASN A 304 -0.91 8.24 17.55
C ASN A 304 -2.13 7.56 18.12
N SER A 305 -3.23 8.27 18.28
CA SER A 305 -4.41 7.71 18.93
C SER A 305 -5.47 7.19 17.96
N LEU A 306 -5.22 7.22 16.66
CA LEU A 306 -6.20 6.74 15.71
C LEU A 306 -6.10 5.23 15.57
N GLY A 307 -7.22 4.57 15.78
CA GLY A 307 -7.23 3.13 15.71
C GLY A 307 -7.34 2.65 14.29
N PHE A 308 -7.57 1.36 14.10
CA PHE A 308 -7.71 0.76 12.78
C PHE A 308 -8.81 1.50 11.99
N PRO A 309 -8.50 2.14 10.87
CA PRO A 309 -9.44 3.12 10.34
C PRO A 309 -10.45 2.67 9.33
N ALA A 310 -10.60 1.37 9.05
CA ALA A 310 -11.47 0.94 7.98
C ALA A 310 -12.90 1.40 8.15
N ALA A 311 -13.52 1.14 9.29
CA ALA A 311 -14.91 1.54 9.50
C ALA A 311 -15.09 3.05 9.32
N SER A 312 -14.18 3.85 9.88
CA SER A 312 -14.23 5.29 9.77
C SER A 312 -14.05 5.75 8.33
N PHE A 313 -13.18 5.16 7.57
CA PHE A 313 -13.02 5.56 6.16
C PHE A 313 -14.36 5.38 5.44
N TYR A 314 -14.99 4.21 5.62
CA TYR A 314 -16.23 3.95 4.90
C TYR A 314 -17.36 4.87 5.36
N SER A 315 -17.50 5.13 6.65
CA SER A 315 -18.56 6.05 7.09
C SER A 315 -18.28 7.48 6.69
N ALA A 316 -17.05 7.94 6.87
CA ALA A 316 -16.69 9.32 6.57
C ALA A 316 -16.77 9.59 5.07
N ILE A 317 -16.13 8.74 4.27
CA ILE A 317 -16.07 9.04 2.83
C ILE A 317 -17.42 8.88 2.16
N SER A 318 -18.20 7.86 2.52
CA SER A 318 -19.53 7.74 1.93
C SER A 318 -20.39 8.95 2.22
N SER A 319 -20.23 9.58 3.39
CA SER A 319 -21.06 10.70 3.76
C SER A 319 -20.42 12.04 3.40
N THR A 320 -19.13 12.06 3.02
CA THR A 320 -18.32 13.24 2.83
C THR A 320 -17.41 13.10 1.60
N PRO A 321 -17.99 13.21 0.41
CA PRO A 321 -17.17 12.96 -0.80
C PRO A 321 -16.01 13.90 -1.00
N SER A 322 -16.04 15.07 -0.35
CA SER A 322 -14.88 15.97 -0.44
C SER A 322 -13.61 15.41 0.16
N LEU A 323 -13.61 14.33 0.95
CA LEU A 323 -12.40 13.82 1.54
C LEU A 323 -11.53 13.04 0.56
N VAL A 324 -12.10 12.71 -0.62
CA VAL A 324 -11.34 11.92 -1.60
C VAL A 324 -11.34 12.56 -2.98
N HIS A 325 -10.33 12.11 -3.74
CA HIS A 325 -10.34 12.24 -5.18
C HIS A 325 -10.97 10.95 -5.74
N ASP A 326 -12.20 11.07 -6.22
CA ASP A 326 -13.00 9.96 -6.72
C ASP A 326 -12.53 9.60 -8.14
N VAL A 327 -11.95 8.43 -8.32
CA VAL A 327 -11.55 7.95 -9.64
C VAL A 327 -12.79 7.43 -10.36
N LYS A 328 -12.93 7.87 -11.61
CA LYS A 328 -14.12 7.59 -12.39
C LYS A 328 -13.80 6.93 -13.72
N SER A 329 -12.57 7.00 -14.22
CA SER A 329 -12.28 6.51 -15.56
C SER A 329 -11.27 5.37 -15.57
N GLY A 330 -11.60 4.31 -16.27
CA GLY A 330 -10.74 3.20 -16.50
C GLY A 330 -11.28 1.88 -15.98
N ASN A 331 -10.48 0.83 -16.20
CA ASN A 331 -10.87 -0.54 -15.82
C ASN A 331 -9.61 -1.28 -15.39
N ASN A 332 -9.78 -2.36 -14.64
CA ASN A 332 -8.62 -3.15 -14.21
C ASN A 332 -8.58 -4.53 -14.85
N GLY A 333 -9.02 -4.65 -16.09
CA GLY A 333 -8.85 -5.88 -16.88
C GLY A 333 -8.18 -5.64 -18.22
N TYR A 334 -8.62 -6.44 -19.20
CA TYR A 334 -8.11 -6.36 -20.55
C TYR A 334 -9.14 -6.86 -21.52
N GLY A 335 -9.16 -6.32 -22.72
CA GLY A 335 -9.97 -6.90 -23.77
C GLY A 335 -11.47 -6.80 -23.51
N GLY A 336 -11.87 -5.79 -22.73
CA GLY A 336 -13.28 -5.61 -22.44
C GLY A 336 -13.71 -6.30 -21.16
N TYR A 337 -12.81 -7.07 -20.57
CA TYR A 337 -13.07 -7.70 -19.29
C TYR A 337 -12.57 -6.86 -18.13
N GLY A 338 -13.00 -7.22 -16.92
CA GLY A 338 -12.54 -6.53 -15.74
C GLY A 338 -13.61 -5.60 -15.20
N TYR A 339 -13.27 -4.95 -14.09
CA TYR A 339 -14.19 -4.02 -13.47
C TYR A 339 -13.93 -2.60 -13.95
N ASN A 340 -14.94 -1.76 -13.97
CA ASN A 340 -14.89 -0.36 -14.37
C ASN A 340 -14.92 0.56 -13.19
N ALA A 341 -14.12 1.64 -13.21
CA ALA A 341 -14.32 2.72 -12.28
C ALA A 341 -15.64 3.44 -12.52
N GLY A 342 -16.13 4.14 -11.51
CA GLY A 342 -17.35 4.91 -11.58
C GLY A 342 -17.46 5.82 -10.37
N THR A 343 -18.64 6.45 -10.30
CA THR A 343 -18.89 7.37 -9.19
C THR A 343 -18.86 6.62 -7.87
N GLY A 344 -18.14 7.16 -6.90
CA GLY A 344 -18.04 6.57 -5.60
C GLY A 344 -17.13 5.35 -5.58
N TRP A 345 -17.42 4.45 -4.64
CA TRP A 345 -16.58 3.26 -4.48
C TRP A 345 -16.64 2.40 -5.72
N ASP A 346 -15.53 1.90 -6.20
CA ASP A 346 -15.54 0.94 -7.30
C ASP A 346 -14.46 -0.13 -7.08
N TYR A 347 -14.52 -1.21 -7.84
CA TYR A 347 -13.60 -2.31 -7.61
C TYR A 347 -12.16 -1.98 -8.03
N PRO A 348 -11.87 -1.20 -9.07
CA PRO A 348 -10.47 -0.92 -9.34
C PRO A 348 -9.74 -0.11 -8.29
N THR A 349 -10.45 0.85 -7.69
CA THR A 349 -9.79 1.88 -6.90
C THR A 349 -10.39 2.14 -5.53
N GLY A 350 -11.47 1.47 -5.16
CA GLY A 350 -12.10 1.70 -3.89
C GLY A 350 -12.66 3.10 -3.86
N TRP A 351 -12.40 3.85 -2.78
CA TRP A 351 -12.87 5.21 -2.65
C TRP A 351 -12.03 6.23 -3.43
N GLY A 352 -10.89 5.81 -3.96
CA GLY A 352 -9.93 6.71 -4.61
C GLY A 352 -8.88 7.17 -3.61
N SER A 353 -8.26 8.32 -3.89
CA SER A 353 -7.16 8.78 -3.05
C SER A 353 -7.66 9.78 -2.02
N LEU A 354 -6.92 9.93 -0.93
CA LEU A 354 -7.29 10.81 0.15
C LEU A 354 -6.75 12.23 -0.06
N ASP A 355 -7.59 13.22 0.21
CA ASP A 355 -7.18 14.62 0.36
C ASP A 355 -6.84 14.83 1.82
N ILE A 356 -5.54 14.86 2.13
CA ILE A 356 -5.11 14.73 3.51
C ILE A 356 -5.52 15.91 4.36
N ALA A 357 -5.36 17.16 3.94
CA ALA A 357 -5.76 18.28 4.79
C ALA A 357 -7.26 18.27 5.06
N LYS A 358 -8.04 17.87 4.04
CA LYS A 358 -9.46 17.80 4.33
C LYS A 358 -9.82 16.70 5.30
N LEU A 359 -9.18 15.54 5.13
CA LEU A 359 -9.35 14.44 6.08
C LEU A 359 -8.90 14.87 7.47
N SER A 360 -7.79 15.59 7.56
CA SER A 360 -7.31 16.05 8.88
C SER A 360 -8.34 16.94 9.57
N ALA A 361 -8.92 17.89 8.82
CA ALA A 361 -9.95 18.76 9.38
C ALA A 361 -11.16 17.94 9.84
N TYR A 362 -11.54 16.94 9.06
CA TYR A 362 -12.66 16.05 9.40
C TYR A 362 -12.37 15.38 10.74
N ILE A 363 -11.17 14.85 10.89
CA ILE A 363 -10.78 14.15 12.12
C ILE A 363 -10.78 15.11 13.30
N ARG A 364 -10.30 16.34 13.10
CA ARG A 364 -10.35 17.33 14.18
C ARG A 364 -11.77 17.54 14.67
N SER A 365 -12.70 17.58 13.72
CA SER A 365 -14.07 17.87 14.13
C SER A 365 -14.79 16.66 14.67
N ASN A 366 -14.58 15.48 14.09
CA ASN A 366 -15.43 14.33 14.33
C ASN A 366 -14.70 13.18 14.99
N GLY A 367 -13.38 13.23 15.09
CA GLY A 367 -12.62 12.05 15.47
C GLY A 367 -12.56 10.99 14.38
N PHE A 368 -11.85 9.89 14.64
CA PHE A 368 -11.72 8.80 13.66
C PHE A 368 -11.46 7.48 14.35
CA IVA B 1 4.69 -14.18 -2.50
CB IVA B 1 5.50 -14.16 -1.18
CG1 IVA B 1 5.47 -12.78 -0.57
CG2 IVA B 1 4.91 -15.22 -0.26
C IVA B 1 5.42 -13.37 -3.56
O IVA B 1 6.57 -13.66 -3.91
N TYR B 2 4.74 -12.35 -4.07
CA TYR B 2 5.30 -11.49 -5.09
C TYR B 2 5.45 -10.07 -4.60
N LEU B 3 6.50 -9.42 -5.09
CA LEU B 3 6.64 -8.01 -4.76
C LEU B 3 5.83 -7.17 -5.73
C TYE B 4 4.75 -4.08 -6.25
N TYE B 4 5.03 -6.28 -5.14
O TYE B 4 3.94 -3.23 -6.98
CA TYE B 4 4.16 -5.46 -5.97
CB TYE B 4 2.80 -5.40 -5.28
CG TYE B 4 1.98 -6.67 -5.32
OH TYE B 4 -0.40 -10.11 -5.34
CZ TYE B 4 0.39 -8.97 -5.32
CD1 TYE B 4 1.06 -6.89 -4.30
CD2 TYE B 4 2.08 -7.60 -6.33
CE1 TYE B 4 0.27 -8.05 -4.29
CE2 TYE B 4 1.30 -8.75 -6.35
CA CA C . -14.79 5.85 -8.08
S SO4 D . -10.49 -2.12 -22.89
O1 SO4 D . -10.64 -3.18 -21.86
O2 SO4 D . -11.82 -1.78 -23.45
O3 SO4 D . -9.64 -2.60 -24.01
O4 SO4 D . -9.90 -0.91 -22.27
#